data_7K1U
#
_entry.id   7K1U
#
_cell.length_a   69.323
_cell.length_b   69.323
_cell.length_c   187.527
_cell.angle_alpha   90.000
_cell.angle_beta   90.000
_cell.angle_gamma   120.000
#
_symmetry.space_group_name_H-M   'P 31 2 1'
#
loop_
_entity.id
_entity.type
_entity.pdbx_description
1 polymer 'Collagen-binding Adhesin'
2 non-polymer 2-[BIS-(2-HYDROXY-ETHYL)-AMINO]-2-HYDROXYMETHYL-PROPANE-1,3-DIOL
3 water water
#
_entity_poly.entity_id   1
_entity_poly.type   'polypeptide(L)'
_entity_poly.pdbx_seq_one_letter_code
;(MSE)KTSSNASITDGNGNYSIAGATYGVFADKDCTKQLATLTTNENGNTDVVEVTTGTVYIRELSAPAGYKVDKTVYSL
KVEAGKTATLKVSDTPKVTDTLIELFKID(MSE)ETQKDNPQGNASLAGAEFTWKYYAGFYNKENLPAEATRTWVTKTIA
ETDSDGTTHYITKLADAYKVSGDSFY(MSE)QDGKAVLPLGTLTVEETKAPNGYLLDGAY(MSE)QAGDKSEQIKGLYVT
QITEDGDLAVLSGSNQFSVSDKVIRGGVKIQKRDLETGDTKPQGSATLKDTAFDIISLNDNVVLVEGKLYKKNEVVKTIH
TDIEGVASTSADLLPYGKFRIVESEAPNGYLTDGAKPIDFAITENGKIVDLTDEAHSGAAL
;
_entity_poly.pdbx_strand_id   A
#
# COMPACT_ATOMS: atom_id res chain seq x y z
N VAL A 88 -31.38 1.39 30.74
CA VAL A 88 -31.02 -0.01 31.19
C VAL A 88 -31.30 -0.97 30.03
N SER A 89 -30.25 -1.34 29.28
CA SER A 89 -30.37 -2.24 28.10
C SER A 89 -30.62 -3.69 28.54
N ASP A 90 -30.88 -4.56 27.56
CA ASP A 90 -31.12 -6.01 27.81
C ASP A 90 -30.26 -6.84 26.84
N THR A 91 -29.15 -6.26 26.34
CA THR A 91 -28.22 -6.96 25.42
C THR A 91 -26.82 -6.98 26.04
N PRO A 92 -25.92 -7.90 25.61
CA PRO A 92 -24.56 -7.97 26.15
C PRO A 92 -23.77 -6.67 25.98
N LYS A 93 -22.74 -6.47 26.81
CA LYS A 93 -21.87 -5.26 26.77
C LYS A 93 -21.13 -5.23 25.42
N VAL A 94 -21.18 -4.08 24.75
CA VAL A 94 -20.53 -3.89 23.42
C VAL A 94 -19.99 -2.47 23.35
N THR A 95 -19.14 -2.23 22.35
CA THR A 95 -18.60 -0.88 22.08
C THR A 95 -18.69 -0.61 20.58
N ASP A 96 -19.02 0.63 20.20
CA ASP A 96 -19.02 1.06 18.77
C ASP A 96 -17.70 1.78 18.47
N THR A 97 -16.87 2.02 19.49
CA THR A 97 -15.56 2.72 19.29
C THR A 97 -14.53 1.67 18.89
N LEU A 98 -14.36 1.46 17.58
CA LEU A 98 -13.45 0.39 17.06
C LEU A 98 -12.15 0.99 16.49
N ILE A 99 -11.65 0.44 15.37
CA ILE A 99 -10.33 0.85 14.80
C ILE A 99 -10.47 1.34 13.36
N GLU A 100 -9.86 2.49 13.04
CA GLU A 100 -9.83 3.02 11.66
C GLU A 100 -8.40 2.87 11.13
N LEU A 101 -8.24 2.34 9.93
CA LEU A 101 -6.89 2.18 9.34
C LEU A 101 -6.75 3.15 8.17
N PHE A 102 -5.61 3.83 8.09
CA PHE A 102 -5.32 4.83 7.04
C PHE A 102 -4.17 4.29 6.20
N LYS A 103 -4.42 3.97 4.93
CA LYS A 103 -3.35 3.39 4.09
C LYS A 103 -2.46 4.52 3.56
N ILE A 104 -1.14 4.37 3.69
CA ILE A 104 -0.21 5.43 3.20
C ILE A 104 0.95 4.77 2.46
N ASP A 105 1.66 5.57 1.68
CA ASP A 105 2.87 5.09 0.98
C ASP A 105 3.98 4.99 2.02
N GLU A 107 7.42 4.73 1.74
CA GLU A 107 8.61 5.54 1.47
C GLU A 107 8.37 7.04 1.72
N THR A 108 7.26 7.61 1.25
CA THR A 108 6.98 9.06 1.41
C THR A 108 6.17 9.34 2.68
N GLN A 109 5.52 8.33 3.27
CA GLN A 109 4.67 8.52 4.48
C GLN A 109 3.50 9.45 4.15
N LYS A 110 3.12 9.52 2.88
CA LYS A 110 2.01 10.41 2.42
C LYS A 110 0.70 9.63 2.21
N ASP A 111 -0.42 10.35 2.29
CA ASP A 111 -1.79 9.81 2.04
C ASP A 111 -2.04 9.81 0.51
N ASN A 112 -1.02 9.48 -0.26
CA ASN A 112 -1.10 9.42 -1.73
C ASN A 112 -0.24 8.27 -2.24
N PRO A 113 -0.69 7.55 -3.28
CA PRO A 113 0.14 6.51 -3.86
C PRO A 113 1.23 7.15 -4.75
N GLN A 114 2.25 6.39 -5.11
CA GLN A 114 3.27 6.87 -6.08
C GLN A 114 2.89 6.34 -7.48
N GLY A 115 3.43 6.95 -8.54
CA GLY A 115 3.21 6.47 -9.90
C GLY A 115 1.73 6.32 -10.23
N ASN A 116 1.31 5.16 -10.73
CA ASN A 116 -0.13 4.99 -11.01
C ASN A 116 -0.61 3.85 -10.11
N ALA A 117 0.03 3.71 -8.94
CA ALA A 117 -0.38 2.69 -7.96
C ALA A 117 -1.62 3.22 -7.22
N SER A 118 -2.18 2.43 -6.30
CA SER A 118 -3.37 2.88 -5.54
C SER A 118 -3.17 2.58 -4.07
N LEU A 119 -3.79 3.39 -3.22
CA LEU A 119 -3.86 3.13 -1.76
C LEU A 119 -5.28 2.61 -1.47
N ALA A 120 -6.17 2.70 -2.46
CA ALA A 120 -7.55 2.16 -2.32
C ALA A 120 -7.53 0.67 -2.73
N GLY A 121 -8.40 -0.13 -2.15
CA GLY A 121 -8.46 -1.55 -2.53
C GLY A 121 -7.59 -2.45 -1.68
N ALA A 122 -6.85 -1.87 -0.72
CA ALA A 122 -6.06 -2.70 0.22
C ALA A 122 -7.06 -3.50 1.05
N GLU A 123 -6.85 -4.82 1.22
CA GLU A 123 -7.81 -5.64 2.00
C GLU A 123 -7.22 -6.00 3.37
N PHE A 124 -8.08 -5.95 4.38
CA PHE A 124 -7.71 -6.29 5.77
C PHE A 124 -8.65 -7.36 6.29
N THR A 125 -8.09 -8.41 6.90
CA THR A 125 -8.88 -9.51 7.49
C THR A 125 -8.94 -9.27 9.00
N TRP A 126 -10.17 -9.15 9.50
CA TRP A 126 -10.49 -8.92 10.94
C TRP A 126 -11.08 -10.20 11.52
N LYS A 127 -10.64 -10.57 12.72
CA LYS A 127 -11.17 -11.80 13.35
C LYS A 127 -11.54 -11.51 14.79
N TYR A 128 -12.79 -11.80 15.14
CA TYR A 128 -13.27 -11.60 16.52
C TYR A 128 -13.34 -12.97 17.19
N TYR A 129 -12.94 -13.03 18.46
CA TYR A 129 -12.96 -14.29 19.24
C TYR A 129 -13.72 -14.02 20.54
N ALA A 130 -14.58 -14.96 20.95
CA ALA A 130 -15.40 -14.82 22.19
C ALA A 130 -14.52 -14.83 23.46
N GLY A 131 -13.32 -15.38 23.39
CA GLY A 131 -12.46 -15.43 24.58
C GLY A 131 -11.44 -14.30 24.64
N PHE A 132 -10.54 -14.38 25.62
CA PHE A 132 -9.49 -13.37 25.85
C PHE A 132 -8.14 -14.05 25.60
N TYR A 133 -7.54 -13.74 24.46
CA TYR A 133 -6.29 -14.40 24.05
C TYR A 133 -5.20 -13.38 23.73
N ASN A 134 -3.99 -13.88 23.55
CA ASN A 134 -2.84 -13.07 23.07
C ASN A 134 -2.41 -13.71 21.74
N LYS A 135 -1.47 -13.09 21.03
CA LYS A 135 -1.02 -13.61 19.71
C LYS A 135 -0.60 -15.10 19.80
N GLU A 136 -0.04 -15.53 20.92
CA GLU A 136 0.53 -16.90 21.04
C GLU A 136 -0.52 -17.99 21.30
N ASN A 137 -1.73 -17.67 21.75
CA ASN A 137 -2.69 -18.79 22.05
C ASN A 137 -4.05 -18.58 21.38
N LEU A 138 -4.09 -17.93 20.21
CA LEU A 138 -5.37 -17.75 19.47
C LEU A 138 -5.93 -19.12 19.08
N PRO A 139 -7.23 -19.38 19.29
CA PRO A 139 -7.83 -20.65 18.85
C PRO A 139 -7.75 -20.77 17.33
N ALA A 140 -7.85 -22.00 16.82
CA ALA A 140 -7.77 -22.24 15.36
C ALA A 140 -8.94 -21.59 14.63
N GLU A 141 -10.10 -21.45 15.29
CA GLU A 141 -11.27 -20.84 14.59
C GLU A 141 -11.76 -19.59 15.31
N ALA A 142 -11.92 -18.54 14.52
CA ALA A 142 -12.44 -17.25 15.02
C ALA A 142 -13.96 -17.38 15.24
N THR A 143 -14.52 -16.55 16.09
CA THR A 143 -15.98 -16.54 16.31
C THR A 143 -16.61 -15.89 15.07
N ARG A 144 -16.05 -14.76 14.61
CA ARG A 144 -16.53 -14.12 13.35
C ARG A 144 -15.34 -13.56 12.59
N THR A 145 -15.46 -13.51 11.26
CA THR A 145 -14.38 -13.05 10.35
C THR A 145 -14.97 -12.08 9.33
N TRP A 146 -14.28 -10.97 9.10
CA TRP A 146 -14.67 -9.91 8.13
C TRP A 146 -13.49 -9.50 7.27
N VAL A 147 -13.72 -9.26 5.99
CA VAL A 147 -12.65 -8.73 5.10
C VAL A 147 -13.15 -7.35 4.67
N THR A 148 -12.34 -6.32 4.90
CA THR A 148 -12.74 -4.93 4.50
C THR A 148 -11.67 -4.35 3.58
N LYS A 149 -12.02 -3.28 2.88
CA LYS A 149 -11.03 -2.65 1.95
C LYS A 149 -10.94 -1.15 2.23
N THR A 150 -9.81 -0.56 1.84
CA THR A 150 -9.61 0.91 1.96
C THR A 150 -10.41 1.58 0.84
N ILE A 151 -11.08 2.67 1.17
CA ILE A 151 -11.83 3.48 0.17
C ILE A 151 -11.41 4.93 0.35
N ALA A 152 -11.38 5.66 -0.75
CA ALA A 152 -11.00 7.09 -0.72
C ALA A 152 -12.11 7.90 -0.08
N GLU A 153 -11.73 8.84 0.79
CA GLU A 153 -12.69 9.75 1.47
C GLU A 153 -12.03 11.11 1.59
N THR A 154 -12.72 12.16 1.17
CA THR A 154 -12.17 13.53 1.29
C THR A 154 -12.82 14.20 2.51
N ASP A 155 -12.00 14.70 3.44
CA ASP A 155 -12.53 15.32 4.69
C ASP A 155 -12.89 16.79 4.42
N SER A 156 -13.38 17.50 5.45
CA SER A 156 -13.82 18.91 5.34
C SER A 156 -12.66 19.87 4.98
N ASP A 157 -11.41 19.49 5.23
CA ASP A 157 -10.24 20.34 4.89
C ASP A 157 -9.85 20.15 3.42
N GLY A 158 -10.41 19.13 2.77
CA GLY A 158 -10.10 18.82 1.35
C GLY A 158 -9.01 17.77 1.23
N THR A 159 -8.72 17.02 2.30
CA THR A 159 -7.65 15.99 2.22
C THR A 159 -8.29 14.62 2.01
N THR A 160 -7.83 13.90 0.98
CA THR A 160 -8.31 12.53 0.71
C THR A 160 -7.51 11.53 1.55
N HIS A 161 -8.20 10.65 2.27
CA HIS A 161 -7.51 9.56 3.01
C HIS A 161 -8.01 8.24 2.42
N TYR A 162 -7.30 7.16 2.69
CA TYR A 162 -7.68 5.81 2.20
C TYR A 162 -7.92 5.00 3.47
N ILE A 163 -9.21 4.93 3.83
CA ILE A 163 -9.68 4.40 5.14
C ILE A 163 -10.40 3.07 5.02
N THR A 164 -10.23 2.23 6.03
CA THR A 164 -11.06 1.01 6.16
C THR A 164 -11.42 0.87 7.64
N LYS A 165 -12.54 0.20 7.91
CA LYS A 165 -12.99 -0.03 9.29
C LYS A 165 -14.12 -1.05 9.22
N LEU A 166 -14.63 -1.48 10.37
CA LEU A 166 -15.72 -2.48 10.41
C LEU A 166 -17.08 -1.80 10.21
N ALA A 167 -17.50 -1.66 8.94
CA ALA A 167 -18.80 -1.08 8.54
C ALA A 167 -19.14 -1.60 7.13
N ASP A 168 -20.42 -1.56 6.75
CA ASP A 168 -20.90 -2.07 5.43
C ASP A 168 -20.20 -1.39 4.27
N ALA A 169 -19.99 -0.07 4.33
CA ALA A 169 -19.35 0.67 3.22
C ALA A 169 -17.95 0.13 2.90
N TYR A 170 -17.27 -0.52 3.85
CA TYR A 170 -15.88 -1.03 3.60
C TYR A 170 -15.86 -2.54 3.44
N LYS A 171 -17.00 -3.21 3.58
CA LYS A 171 -16.98 -4.68 3.61
C LYS A 171 -16.75 -5.27 2.22
N VAL A 172 -15.92 -6.32 2.18
CA VAL A 172 -15.61 -7.09 0.94
C VAL A 172 -16.30 -8.44 1.07
N SER A 173 -16.14 -9.10 2.22
CA SER A 173 -16.73 -10.45 2.39
C SER A 173 -16.73 -10.80 3.88
N GLY A 174 -17.26 -12.00 4.19
CA GLY A 174 -17.23 -12.50 5.57
C GLY A 174 -18.59 -12.53 6.23
N ASP A 175 -18.57 -12.79 7.54
CA ASP A 175 -19.79 -12.92 8.37
C ASP A 175 -20.52 -11.57 8.50
N SER A 176 -21.72 -11.60 9.07
CA SER A 176 -22.49 -10.38 9.37
C SER A 176 -21.78 -9.64 10.51
N PHE A 177 -21.95 -8.32 10.59
CA PHE A 177 -21.39 -7.56 11.73
C PHE A 177 -22.37 -7.67 12.90
N TYR A 178 -21.89 -7.43 14.14
CA TYR A 178 -22.83 -7.29 15.28
C TYR A 178 -23.33 -5.86 15.15
N GLN A 180 -25.94 -2.59 16.36
CA GLN A 180 -26.67 -1.96 17.44
C GLN A 180 -26.87 -0.49 17.09
N ASP A 181 -28.14 -0.04 17.03
CA ASP A 181 -28.51 1.36 16.73
C ASP A 181 -27.90 1.82 15.40
N GLY A 182 -27.90 0.93 14.39
CA GLY A 182 -27.39 1.22 13.04
C GLY A 182 -25.87 1.29 12.93
N LYS A 183 -25.13 0.81 13.93
CA LYS A 183 -23.65 0.87 13.87
C LYS A 183 -23.04 -0.49 14.22
N ALA A 184 -21.91 -0.83 13.61
CA ALA A 184 -21.20 -2.09 13.91
C ALA A 184 -20.55 -1.98 15.30
N VAL A 185 -20.73 -3.02 16.11
CA VAL A 185 -20.16 -3.05 17.49
C VAL A 185 -19.40 -4.36 17.69
N LEU A 186 -18.70 -4.44 18.81
CA LEU A 186 -17.99 -5.68 19.20
C LEU A 186 -18.27 -5.93 20.67
N PRO A 187 -18.60 -7.19 21.04
CA PRO A 187 -18.75 -7.55 22.44
C PRO A 187 -17.37 -7.83 23.06
N LEU A 188 -17.35 -8.17 24.35
CA LEU A 188 -16.07 -8.47 25.02
C LEU A 188 -15.34 -9.57 24.26
N GLY A 189 -14.00 -9.50 24.20
CA GLY A 189 -13.28 -10.59 23.52
C GLY A 189 -11.96 -10.16 22.92
N THR A 190 -11.56 -10.86 21.86
CA THR A 190 -10.26 -10.55 21.21
C THR A 190 -10.52 -10.14 19.76
N LEU A 191 -9.75 -9.18 19.27
CA LEU A 191 -9.88 -8.70 17.88
C LEU A 191 -8.49 -8.70 17.25
N THR A 192 -8.37 -9.31 16.08
CA THR A 192 -7.08 -9.31 15.35
C THR A 192 -7.33 -8.73 13.96
N VAL A 193 -6.31 -8.10 13.38
CA VAL A 193 -6.47 -7.54 12.01
C VAL A 193 -5.10 -7.54 11.35
N GLU A 194 -5.06 -7.90 10.07
CA GLU A 194 -3.80 -7.84 9.30
C GLU A 194 -4.17 -7.55 7.85
N GLU A 195 -3.23 -6.95 7.12
CA GLU A 195 -3.42 -6.68 5.68
C GLU A 195 -3.26 -8.02 4.97
N THR A 196 -4.23 -8.42 4.15
CA THR A 196 -4.22 -9.73 3.45
C THR A 196 -4.12 -9.51 1.94
N LYS A 197 -4.38 -8.29 1.48
CA LYS A 197 -4.13 -7.96 0.05
C LYS A 197 -3.63 -6.52 -0.07
N ALA A 198 -2.44 -6.36 -0.63
CA ALA A 198 -1.86 -5.03 -0.86
C ALA A 198 -2.70 -4.33 -1.91
N PRO A 199 -2.82 -2.98 -1.87
CA PRO A 199 -3.57 -2.26 -2.89
C PRO A 199 -2.77 -2.35 -4.21
N ASN A 200 -3.44 -2.12 -5.34
CA ASN A 200 -2.79 -2.25 -6.67
C ASN A 200 -1.50 -1.42 -6.74
N GLY A 201 -0.41 -2.05 -7.17
CA GLY A 201 0.90 -1.38 -7.34
C GLY A 201 1.75 -1.45 -6.08
N TYR A 202 1.23 -2.07 -5.00
CA TYR A 202 1.99 -2.18 -3.73
C TYR A 202 2.26 -3.65 -3.39
N LEU A 203 3.18 -3.88 -2.46
CA LEU A 203 3.55 -5.22 -1.94
C LEU A 203 3.01 -5.36 -0.52
N LEU A 204 2.76 -6.59 -0.06
CA LEU A 204 2.38 -6.88 1.34
C LEU A 204 3.65 -6.88 2.19
N ASP A 205 4.69 -7.46 1.61
CA ASP A 205 6.04 -7.63 2.20
C ASP A 205 6.41 -6.38 3.02
N GLY A 206 6.63 -6.56 4.33
CA GLY A 206 7.13 -5.49 5.22
C GLY A 206 6.08 -4.47 5.65
N ALA A 207 4.82 -4.63 5.25
CA ALA A 207 3.79 -3.63 5.64
C ALA A 207 3.70 -3.54 7.17
N TYR A 208 3.48 -2.32 7.70
CA TYR A 208 3.39 -2.17 9.17
C TYR A 208 2.39 -1.08 9.54
N GLN A 210 1.13 1.90 12.54
CA GLN A 210 1.63 2.86 13.52
C GLN A 210 0.48 3.68 14.09
N ALA A 211 0.40 3.77 15.42
CA ALA A 211 -0.67 4.51 16.12
C ALA A 211 -0.40 6.02 16.06
N GLY A 212 0.88 6.40 16.11
CA GLY A 212 1.24 7.83 16.05
C GLY A 212 2.63 7.99 15.47
N ASP A 213 3.24 9.16 15.64
CA ASP A 213 4.61 9.37 15.11
C ASP A 213 5.58 8.79 16.16
N LYS A 214 6.69 8.20 15.71
CA LYS A 214 7.75 7.59 16.58
C LYS A 214 7.23 6.34 17.33
N SER A 215 5.92 6.07 17.35
CA SER A 215 5.44 4.88 18.11
C SER A 215 5.85 3.58 17.39
N GLU A 216 5.70 2.46 18.08
CA GLU A 216 6.08 1.10 17.62
C GLU A 216 5.52 0.76 16.23
N GLN A 217 6.37 0.21 15.35
CA GLN A 217 5.93 -0.29 14.01
C GLN A 217 5.41 -1.72 14.19
N ILE A 218 4.12 -1.94 14.02
CA ILE A 218 3.51 -3.29 14.22
C ILE A 218 3.50 -4.04 12.89
N LYS A 219 4.22 -5.14 12.81
CA LYS A 219 4.25 -5.95 11.57
C LYS A 219 3.36 -7.19 11.77
N GLY A 220 2.80 -7.69 10.69
CA GLY A 220 1.96 -8.89 10.79
C GLY A 220 0.63 -8.61 11.48
N LEU A 221 0.19 -9.60 12.25
CA LEU A 221 -1.13 -9.62 12.91
C LEU A 221 -1.16 -8.69 14.13
N TYR A 222 -2.06 -7.71 14.13
CA TYR A 222 -2.26 -6.86 15.33
C TYR A 222 -3.32 -7.55 16.19
N VAL A 223 -3.07 -7.64 17.50
CA VAL A 223 -3.99 -8.35 18.43
C VAL A 223 -4.33 -7.42 19.59
N THR A 224 -5.63 -7.19 19.79
CA THR A 224 -6.08 -6.37 20.94
C THR A 224 -7.32 -7.07 21.52
N GLN A 225 -7.92 -6.48 22.54
CA GLN A 225 -9.09 -7.08 23.18
C GLN A 225 -10.14 -6.01 23.45
N ILE A 226 -11.38 -6.45 23.63
CA ILE A 226 -12.47 -5.57 24.10
C ILE A 226 -12.67 -6.03 25.55
N THR A 227 -12.39 -5.14 26.51
CA THR A 227 -12.41 -5.56 27.94
C THR A 227 -13.42 -4.75 28.74
N GLU A 228 -13.68 -5.20 29.97
CA GLU A 228 -14.63 -4.53 30.89
C GLU A 228 -13.94 -3.36 31.60
N ASP A 229 -14.61 -2.22 31.64
CA ASP A 229 -14.15 -1.02 32.38
C ASP A 229 -15.42 -0.52 33.05
N GLY A 230 -15.65 -0.91 34.30
CA GLY A 230 -16.92 -0.57 34.97
C GLY A 230 -18.06 -1.30 34.27
N ASP A 231 -19.15 -0.60 33.96
CA ASP A 231 -20.31 -1.21 33.26
C ASP A 231 -20.10 -1.23 31.75
N LEU A 232 -18.98 -0.66 31.26
CA LEU A 232 -18.77 -0.52 29.79
C LEU A 232 -17.86 -1.61 29.22
N ALA A 233 -17.86 -1.70 27.89
CA ALA A 233 -16.93 -2.52 27.10
C ALA A 233 -16.01 -1.52 26.38
N VAL A 234 -14.69 -1.72 26.47
CA VAL A 234 -13.74 -0.74 25.86
C VAL A 234 -12.69 -1.47 25.02
N LEU A 235 -12.39 -0.94 23.85
CA LEU A 235 -11.31 -1.52 23.02
C LEU A 235 -9.97 -1.08 23.62
N SER A 236 -9.03 -2.01 23.78
CA SER A 236 -7.68 -1.65 24.31
C SER A 236 -6.83 -1.10 23.16
N GLY A 237 -5.94 -0.16 23.49
CA GLY A 237 -4.99 0.33 22.49
C GLY A 237 -5.58 1.43 21.65
N SER A 238 -4.83 1.86 20.64
CA SER A 238 -5.20 2.98 19.77
C SER A 238 -6.46 2.64 18.92
N ASN A 239 -7.21 3.67 18.57
CA ASN A 239 -8.45 3.59 17.77
C ASN A 239 -8.10 3.91 16.31
N GLN A 240 -6.87 4.39 16.07
CA GLN A 240 -6.42 4.76 14.69
C GLN A 240 -4.99 4.32 14.44
N PHE A 241 -4.74 3.83 13.23
CA PHE A 241 -3.39 3.42 12.80
C PHE A 241 -3.16 3.82 11.35
N SER A 242 -1.90 4.11 11.03
CA SER A 242 -1.48 4.33 9.63
C SER A 242 -0.97 2.97 9.16
N VAL A 243 -1.26 2.58 7.92
CA VAL A 243 -0.71 1.30 7.44
C VAL A 243 0.24 1.62 6.28
N SER A 244 1.55 1.45 6.50
CA SER A 244 2.61 1.76 5.49
C SER A 244 2.80 0.59 4.53
N ASP A 245 2.70 0.85 3.23
CA ASP A 245 2.86 -0.20 2.18
C ASP A 245 4.04 0.16 1.28
N LYS A 246 4.86 -0.84 0.96
CA LYS A 246 6.03 -0.69 0.05
C LYS A 246 5.55 -0.76 -1.41
N VAL A 247 5.86 0.27 -2.18
CA VAL A 247 5.42 0.32 -3.60
C VAL A 247 6.29 -0.64 -4.41
N ILE A 248 5.67 -1.30 -5.39
CA ILE A 248 6.39 -2.17 -6.37
C ILE A 248 7.41 -1.30 -7.13
N ARG A 249 8.61 -1.85 -7.35
CA ARG A 249 9.67 -1.12 -8.09
C ARG A 249 10.29 -2.03 -9.15
N GLY A 250 10.75 -1.41 -10.23
CA GLY A 250 11.36 -2.15 -11.35
C GLY A 250 12.36 -1.29 -12.08
N GLY A 251 12.84 -1.79 -13.22
CA GLY A 251 13.84 -1.08 -14.02
C GLY A 251 13.58 -1.27 -15.49
N VAL A 252 14.49 -0.78 -16.33
CA VAL A 252 14.31 -0.88 -17.80
C VAL A 252 15.70 -0.88 -18.45
N LYS A 253 15.82 -1.57 -19.58
CA LYS A 253 17.08 -1.60 -20.35
C LYS A 253 16.69 -1.39 -21.82
N ILE A 254 17.61 -0.91 -22.64
CA ILE A 254 17.29 -0.59 -24.05
C ILE A 254 18.58 -0.48 -24.88
N GLN A 255 18.45 -0.42 -26.21
CA GLN A 255 19.56 -0.25 -27.20
C GLN A 255 19.19 0.87 -28.19
N LYS A 256 20.16 1.41 -28.91
CA LYS A 256 19.85 2.44 -29.95
C LYS A 256 19.27 1.72 -31.19
N ARG A 257 18.48 2.43 -32.00
CA ARG A 257 17.80 1.88 -33.21
C ARG A 257 18.23 2.68 -34.44
N PRO A 266 29.20 -0.56 -40.61
CA PRO A 266 30.18 -1.52 -40.08
C PRO A 266 29.51 -2.46 -39.07
N GLN A 267 30.25 -2.87 -38.03
CA GLN A 267 29.75 -3.79 -36.95
C GLN A 267 30.04 -3.14 -35.60
N GLY A 268 28.98 -2.81 -34.86
CA GLY A 268 29.11 -2.10 -33.57
C GLY A 268 29.03 -0.59 -33.79
N SER A 269 28.85 -0.16 -35.05
CA SER A 269 28.77 1.28 -35.39
C SER A 269 27.56 1.93 -34.72
N ALA A 270 26.61 1.13 -34.23
CA ALA A 270 25.42 1.65 -33.52
C ALA A 270 25.59 1.37 -32.02
N THR A 271 25.97 0.15 -31.67
CA THR A 271 26.11 -0.25 -30.25
C THR A 271 27.28 0.48 -29.57
N LEU A 272 28.39 0.72 -30.27
CA LEU A 272 29.56 1.36 -29.61
C LEU A 272 29.37 2.87 -29.48
N LYS A 273 28.33 3.45 -30.11
CA LYS A 273 28.08 4.90 -29.93
C LYS A 273 27.65 5.15 -28.48
N ASP A 274 27.88 6.36 -27.99
CA ASP A 274 27.51 6.77 -26.61
C ASP A 274 26.07 7.30 -26.68
N THR A 275 25.10 6.42 -26.53
CA THR A 275 23.68 6.84 -26.63
C THR A 275 23.13 7.04 -25.21
N ALA A 276 22.59 8.23 -24.96
CA ALA A 276 22.00 8.59 -23.66
C ALA A 276 20.48 8.47 -23.78
N PHE A 277 19.83 7.94 -22.76
CA PHE A 277 18.35 7.86 -22.79
C PHE A 277 17.76 8.56 -21.57
N ASP A 278 16.79 9.43 -21.80
CA ASP A 278 16.04 10.09 -20.70
C ASP A 278 14.81 9.25 -20.36
N ILE A 279 14.58 9.01 -19.07
CA ILE A 279 13.37 8.29 -18.58
C ILE A 279 12.48 9.35 -17.94
N ILE A 280 11.27 9.52 -18.48
CA ILE A 280 10.28 10.57 -18.08
C ILE A 280 9.07 9.94 -17.36
N SER A 281 8.57 10.60 -16.32
CA SER A 281 7.36 10.10 -15.61
C SER A 281 6.11 10.50 -16.39
N LEU A 282 5.19 9.55 -16.62
CA LEU A 282 3.89 9.84 -17.28
C LEU A 282 2.79 9.70 -16.22
N ASN A 283 3.18 9.81 -14.95
CA ASN A 283 2.28 9.52 -13.80
C ASN A 283 1.58 10.76 -13.24
N ASP A 284 0.37 10.55 -12.72
CA ASP A 284 -0.49 11.60 -12.11
C ASP A 284 -0.06 11.84 -10.65
N ASN A 285 0.72 10.94 -10.07
CA ASN A 285 1.25 11.06 -8.69
C ASN A 285 2.77 11.16 -8.74
N VAL A 286 3.38 11.68 -7.69
CA VAL A 286 4.87 11.79 -7.64
C VAL A 286 5.49 10.39 -7.62
N VAL A 287 6.74 10.31 -8.06
CA VAL A 287 7.54 9.07 -8.02
C VAL A 287 8.84 9.39 -7.28
N LEU A 288 9.24 8.52 -6.35
CA LEU A 288 10.50 8.71 -5.60
C LEU A 288 11.57 7.95 -6.38
N VAL A 289 12.52 8.67 -6.96
CA VAL A 289 13.60 8.04 -7.78
C VAL A 289 14.93 8.57 -7.25
N GLU A 290 15.79 7.66 -6.76
CA GLU A 290 17.12 8.01 -6.20
C GLU A 290 17.00 9.21 -5.24
N GLY A 291 16.11 9.07 -4.25
CA GLY A 291 15.90 10.05 -3.16
C GLY A 291 15.27 11.37 -3.58
N LYS A 292 14.64 11.45 -4.76
CA LYS A 292 14.09 12.74 -5.22
C LYS A 292 12.68 12.51 -5.78
N LEU A 293 11.76 13.44 -5.51
CA LEU A 293 10.36 13.36 -5.98
C LEU A 293 10.24 14.01 -7.36
N TYR A 294 9.62 13.30 -8.30
CA TYR A 294 9.42 13.82 -9.67
C TYR A 294 7.93 13.78 -10.03
N LYS A 295 7.51 14.81 -10.77
CA LYS A 295 6.12 14.98 -11.24
C LYS A 295 6.04 14.58 -12.71
N LYS A 296 4.82 14.55 -13.23
CA LYS A 296 4.56 14.16 -14.64
C LYS A 296 5.44 14.99 -15.59
N ASN A 297 5.98 14.35 -16.63
CA ASN A 297 6.78 15.01 -17.70
C ASN A 297 8.18 15.40 -17.22
N GLU A 298 8.54 15.13 -15.96
CA GLU A 298 9.91 15.45 -15.49
C GLU A 298 10.82 14.25 -15.80
N VAL A 299 12.09 14.52 -16.14
CA VAL A 299 13.11 13.46 -16.40
C VAL A 299 13.57 12.91 -15.03
N VAL A 300 13.35 11.63 -14.77
CA VAL A 300 13.72 11.05 -13.45
C VAL A 300 15.13 10.44 -13.49
N LYS A 301 15.63 10.17 -14.69
CA LYS A 301 16.94 9.49 -14.81
C LYS A 301 17.46 9.57 -16.25
N THR A 302 18.79 9.63 -16.40
CA THR A 302 19.46 9.55 -17.72
C THR A 302 20.40 8.34 -17.66
N ILE A 303 20.34 7.46 -18.68
CA ILE A 303 21.21 6.25 -18.72
C ILE A 303 22.00 6.22 -20.04
N HIS A 304 23.23 5.73 -19.99
CA HIS A 304 24.11 5.66 -21.19
C HIS A 304 24.37 4.20 -21.56
N THR A 305 24.58 3.97 -22.86
CA THR A 305 24.84 2.61 -23.39
C THR A 305 26.24 2.13 -22.99
N ASP A 306 26.33 0.85 -22.58
CA ASP A 306 27.62 0.20 -22.21
C ASP A 306 28.31 -0.25 -23.52
N ILE A 307 29.42 -0.99 -23.40
CA ILE A 307 30.22 -1.38 -24.61
C ILE A 307 29.45 -2.39 -25.47
N GLU A 308 28.42 -3.04 -24.89
CA GLU A 308 27.56 -4.01 -25.62
C GLU A 308 26.43 -3.25 -26.32
N GLY A 309 26.26 -1.96 -25.99
CA GLY A 309 25.20 -1.12 -26.58
C GLY A 309 23.95 -1.08 -25.72
N VAL A 310 24.02 -1.66 -24.50
CA VAL A 310 22.82 -1.74 -23.60
C VAL A 310 22.88 -0.67 -22.50
N ALA A 311 21.83 0.16 -22.42
CA ALA A 311 21.64 1.12 -21.32
C ALA A 311 20.65 0.48 -20.36
N SER A 312 21.01 0.40 -19.08
CA SER A 312 20.15 -0.31 -18.11
C SER A 312 20.08 0.45 -16.79
N THR A 313 19.01 0.23 -16.05
CA THR A 313 18.82 0.86 -14.71
C THR A 313 18.90 -0.26 -13.68
N SER A 314 18.94 0.09 -12.40
CA SER A 314 18.84 -0.94 -11.35
C SER A 314 17.40 -1.52 -11.39
N ALA A 315 17.18 -2.63 -10.69
CA ALA A 315 15.87 -3.30 -10.62
C ALA A 315 14.93 -2.61 -9.61
N ASP A 316 15.35 -1.51 -8.99
CA ASP A 316 14.49 -0.84 -7.98
C ASP A 316 14.40 0.66 -8.27
N LEU A 317 14.79 1.09 -9.47
CA LEU A 317 14.83 2.54 -9.77
C LEU A 317 13.44 3.17 -9.82
N LEU A 318 12.49 2.52 -10.49
CA LEU A 318 11.17 3.13 -10.80
C LEU A 318 10.00 2.47 -10.06
N PRO A 319 9.15 3.27 -9.40
CA PRO A 319 7.94 2.75 -8.77
C PRO A 319 6.90 2.36 -9.82
N TYR A 320 5.98 1.47 -9.42
CA TYR A 320 4.85 1.06 -10.27
C TYR A 320 4.30 2.31 -10.95
N GLY A 321 4.25 2.31 -12.28
CA GLY A 321 3.82 3.53 -12.97
C GLY A 321 4.12 3.51 -14.45
N LYS A 322 3.72 4.57 -15.14
CA LYS A 322 3.88 4.73 -16.61
C LYS A 322 5.09 5.63 -16.86
N PHE A 323 5.93 5.27 -17.82
CA PHE A 323 7.14 6.08 -18.12
C PHE A 323 7.39 6.13 -19.63
N ARG A 324 8.12 7.18 -20.03
CA ARG A 324 8.52 7.38 -21.44
C ARG A 324 10.05 7.33 -21.49
N ILE A 325 10.61 6.49 -22.38
CA ILE A 325 12.09 6.47 -22.54
C ILE A 325 12.42 6.97 -23.95
N VAL A 326 13.30 7.95 -24.05
CA VAL A 326 13.61 8.57 -25.38
C VAL A 326 15.09 8.90 -25.47
N GLU A 327 15.70 8.82 -26.66
CA GLU A 327 17.13 9.20 -26.77
C GLU A 327 17.26 10.68 -26.39
N SER A 328 18.25 11.00 -25.56
CA SER A 328 18.51 12.40 -25.16
C SER A 328 19.40 13.03 -26.22
N GLU A 329 18.81 13.74 -27.19
CA GLU A 329 19.62 14.37 -28.29
C GLU A 329 19.96 15.81 -27.87
N ALA A 339 14.73 10.40 -32.84
CA ALA A 339 14.33 10.44 -31.41
C ALA A 339 12.88 9.99 -31.27
N LYS A 340 12.61 8.71 -31.53
CA LYS A 340 11.25 8.10 -31.48
C LYS A 340 11.01 7.54 -30.07
N PRO A 341 10.15 8.19 -29.24
CA PRO A 341 9.93 7.77 -27.86
C PRO A 341 9.14 6.46 -27.68
N ILE A 342 9.39 5.77 -26.57
CA ILE A 342 8.73 4.48 -26.21
C ILE A 342 8.05 4.62 -24.84
N ASP A 343 6.76 4.29 -24.78
CA ASP A 343 6.02 4.34 -23.50
C ASP A 343 5.96 2.91 -22.95
N PHE A 344 6.24 2.74 -21.66
CA PHE A 344 6.26 1.39 -21.04
C PHE A 344 5.74 1.49 -19.61
N ALA A 345 5.39 0.34 -19.04
CA ALA A 345 4.84 0.30 -17.66
C ALA A 345 5.74 -0.55 -16.75
N ILE A 346 5.85 -0.10 -15.49
CA ILE A 346 6.50 -0.90 -14.42
C ILE A 346 5.35 -1.57 -13.64
N THR A 347 5.27 -2.90 -13.66
CA THR A 347 4.17 -3.63 -12.96
C THR A 347 4.70 -4.77 -12.08
N GLU A 348 5.81 -5.43 -12.46
CA GLU A 348 6.35 -6.57 -11.67
C GLU A 348 7.54 -6.09 -10.83
N ASN A 349 7.53 -6.41 -9.55
CA ASN A 349 8.60 -5.99 -8.60
C ASN A 349 9.93 -6.68 -8.98
N GLY A 350 11.01 -5.90 -9.05
CA GLY A 350 12.39 -6.38 -9.32
C GLY A 350 12.65 -6.79 -10.75
N LYS A 351 11.70 -6.56 -11.65
CA LYS A 351 11.86 -7.00 -13.05
C LYS A 351 12.45 -5.83 -13.88
N ILE A 352 13.43 -6.12 -14.75
CA ILE A 352 14.01 -5.12 -15.69
C ILE A 352 13.19 -5.19 -16.98
N VAL A 353 12.42 -4.16 -17.30
CA VAL A 353 11.62 -4.25 -18.57
C VAL A 353 12.64 -4.25 -19.72
N ASP A 354 12.49 -5.20 -20.64
CA ASP A 354 13.44 -5.41 -21.76
C ASP A 354 12.93 -4.74 -23.04
N LEU A 355 13.54 -3.62 -23.42
CA LEU A 355 13.18 -2.88 -24.66
C LEU A 355 14.32 -3.01 -25.69
N THR A 356 15.03 -4.15 -25.71
CA THR A 356 16.22 -4.30 -26.61
C THR A 356 15.89 -5.01 -27.93
N ASP A 357 14.78 -5.77 -28.00
CA ASP A 357 14.43 -6.49 -29.26
C ASP A 357 15.71 -6.92 -30.00
#